data_7LWR
#
_entry.id   7LWR
#
_cell.length_a   38.721
_cell.length_b   49.507
_cell.length_c   74.472
_cell.angle_alpha   82.120
_cell.angle_beta   86.580
_cell.angle_gamma   67.370
#
_symmetry.space_group_name_H-M   'P 1'
#
_entity_poly.entity_id   1
_entity_poly.type   'polypeptide(L)'
_entity_poly.pdbx_seq_one_letter_code
;MKVNKKRLAEIFNVDPRTIERWQSQGLPCASKGSKGIESVFDTAMAIQWYAQRE
;
_entity_poly.pdbx_strand_id   A,B,C,D,E,F,G,H
#
# COMPACT_ATOMS: atom_id res chain seq x y z
N MET A 1 -25.44 -0.50 -13.66
CA MET A 1 -24.55 -1.27 -14.52
C MET A 1 -23.12 -1.27 -13.94
N LYS A 2 -22.33 -2.28 -14.30
CA LYS A 2 -20.93 -2.45 -13.90
C LYS A 2 -20.07 -1.45 -14.67
N VAL A 3 -19.32 -0.63 -13.95
CA VAL A 3 -18.34 0.34 -14.54
C VAL A 3 -17.05 0.37 -13.73
N ASN A 4 -16.00 0.87 -14.40
CA ASN A 4 -14.67 1.16 -13.83
C ASN A 4 -14.66 2.54 -13.18
N LYS A 5 -13.61 2.85 -12.42
CA LYS A 5 -13.45 4.10 -11.63
C LYS A 5 -13.57 5.30 -12.56
N LYS A 6 -12.94 5.22 -13.74
CA LYS A 6 -12.95 6.30 -14.76
C LYS A 6 -14.39 6.59 -15.19
N ARG A 7 -15.15 5.57 -15.58
CA ARG A 7 -16.55 5.73 -16.08
C ARG A 7 -17.46 6.31 -14.97
N LEU A 8 -17.30 5.81 -13.76
CA LEU A 8 -18.14 6.23 -12.61
C LEU A 8 -17.88 7.70 -12.33
N ALA A 9 -16.60 8.09 -12.41
CA ALA A 9 -16.14 9.47 -12.19
C ALA A 9 -16.74 10.38 -13.26
N GLU A 10 -16.82 9.92 -14.50
CA GLU A 10 -17.44 10.68 -15.62
C GLU A 10 -18.96 10.82 -15.38
N ILE A 11 -19.60 9.82 -14.79
CA ILE A 11 -21.07 9.84 -14.50
C ILE A 11 -21.37 10.91 -13.44
N PHE A 12 -20.63 10.90 -12.34
CA PHE A 12 -20.76 11.95 -11.30
C PHE A 12 -20.11 13.26 -11.75
N ASN A 13 -19.42 13.30 -12.87
CA ASN A 13 -18.68 14.50 -13.31
C ASN A 13 -17.72 14.89 -12.16
N VAL A 14 -16.95 13.93 -11.67
CA VAL A 14 -15.92 14.20 -10.62
C VAL A 14 -14.59 13.56 -11.00
N ASP A 15 -13.53 13.95 -10.30
CA ASP A 15 -12.19 13.39 -10.50
C ASP A 15 -12.18 11.95 -10.01
N PRO A 16 -11.42 11.05 -10.69
CA PRO A 16 -11.13 9.72 -10.18
C PRO A 16 -10.74 9.76 -8.70
N ARG A 17 -9.97 10.79 -8.32
CA ARG A 17 -9.56 11.01 -6.91
C ARG A 17 -10.80 11.04 -6.03
N THR A 18 -11.86 11.70 -6.43
CA THR A 18 -13.08 11.88 -5.62
C THR A 18 -13.71 10.52 -5.28
N ILE A 19 -13.77 9.65 -6.26
CA ILE A 19 -14.32 8.29 -6.12
C ILE A 19 -13.53 7.58 -5.01
N GLU A 20 -12.20 7.70 -5.03
CA GLU A 20 -11.36 7.06 -3.99
C GLU A 20 -11.77 7.61 -2.61
N ARG A 21 -11.94 8.93 -2.48
CA ARG A 21 -12.29 9.56 -1.18
C ARG A 21 -13.67 9.06 -0.70
N TRP A 22 -14.63 8.96 -1.62
CA TRP A 22 -15.99 8.43 -1.35
C TRP A 22 -15.92 6.98 -0.91
N GLN A 23 -15.01 6.17 -1.46
CA GLN A 23 -14.81 4.75 -1.06
C GLN A 23 -14.40 4.69 0.41
N SER A 24 -13.62 5.68 0.85
CA SER A 24 -13.15 5.84 2.24
C SER A 24 -14.33 6.24 3.13
N GLN A 25 -15.37 6.89 2.59
CA GLN A 25 -16.58 7.31 3.37
C GLN A 25 -17.69 6.26 3.23
N GLY A 26 -17.42 5.12 2.58
CA GLY A 26 -18.31 3.96 2.58
C GLY A 26 -18.99 3.67 1.27
N LEU A 27 -18.57 4.35 0.21
CA LEU A 27 -19.03 4.07 -1.16
C LEU A 27 -18.62 2.65 -1.54
N PRO A 28 -19.60 1.76 -1.77
CA PRO A 28 -19.31 0.36 -2.02
C PRO A 28 -18.77 0.05 -3.43
N CYS A 29 -17.89 -0.94 -3.47
CA CYS A 29 -17.19 -1.46 -4.66
C CYS A 29 -17.71 -2.87 -4.95
N ALA A 30 -18.22 -3.13 -6.15
CA ALA A 30 -18.64 -4.51 -6.48
C ALA A 30 -17.39 -5.42 -6.56
N SER A 31 -16.29 -4.91 -7.10
CA SER A 31 -15.01 -5.65 -7.23
C SER A 31 -13.83 -4.71 -6.97
N LYS A 32 -13.26 -4.78 -5.80
CA LYS A 32 -12.00 -4.04 -5.49
C LYS A 32 -10.87 -4.51 -6.41
N GLY A 33 -10.33 -3.57 -7.17
CA GLY A 33 -9.09 -3.78 -7.93
C GLY A 33 -7.89 -3.82 -7.02
N SER A 34 -6.81 -4.43 -7.46
CA SER A 34 -5.62 -4.67 -6.60
C SER A 34 -4.36 -4.42 -7.41
N LYS A 35 -4.13 -5.23 -8.43
CA LYS A 35 -2.87 -5.21 -9.21
C LYS A 35 -3.14 -4.51 -10.55
N GLY A 36 -3.22 -5.28 -11.62
CA GLY A 36 -3.52 -4.78 -12.97
C GLY A 36 -4.96 -5.03 -13.37
N ILE A 37 -5.79 -5.49 -12.45
CA ILE A 37 -7.15 -6.04 -12.76
C ILE A 37 -8.26 -4.96 -12.69
N GLU A 38 -8.09 -3.89 -11.95
CA GLU A 38 -9.00 -2.73 -12.00
C GLU A 38 -10.32 -3.01 -11.25
N SER A 39 -10.74 -1.98 -10.50
CA SER A 39 -11.97 -1.91 -9.72
C SER A 39 -13.24 -1.83 -10.59
N VAL A 40 -14.29 -2.51 -10.11
CA VAL A 40 -15.66 -2.53 -10.67
C VAL A 40 -16.58 -1.91 -9.64
N PHE A 41 -17.32 -0.91 -10.07
CA PHE A 41 -18.33 -0.25 -9.24
C PHE A 41 -19.70 -0.57 -9.86
N ASP A 42 -20.71 -0.63 -9.00
CA ASP A 42 -22.14 -0.70 -9.36
C ASP A 42 -22.74 0.70 -9.28
N THR A 43 -23.18 1.23 -10.43
CA THR A 43 -23.72 2.60 -10.54
C THR A 43 -24.97 2.81 -9.67
N ALA A 44 -25.86 1.82 -9.58
CA ALA A 44 -27.07 1.92 -8.76
C ALA A 44 -26.65 2.01 -7.30
N MET A 45 -25.75 1.15 -6.90
CA MET A 45 -25.19 1.12 -5.53
C MET A 45 -24.55 2.45 -5.28
N ALA A 46 -23.83 2.99 -6.24
CA ALA A 46 -23.12 4.26 -6.09
C ALA A 46 -24.13 5.38 -5.89
N ILE A 47 -25.16 5.41 -6.70
CA ILE A 47 -26.18 6.50 -6.66
C ILE A 47 -26.98 6.46 -5.35
N GLN A 48 -27.35 5.28 -4.87
CA GLN A 48 -28.14 5.18 -3.62
C GLN A 48 -27.30 5.68 -2.44
N TRP A 49 -26.03 5.30 -2.46
CA TRP A 49 -25.05 5.68 -1.42
C TRP A 49 -24.97 7.20 -1.38
N TYR A 50 -24.61 7.79 -2.52
CA TYR A 50 -24.44 9.26 -2.64
C TYR A 50 -25.70 9.97 -2.16
N ALA A 51 -26.87 9.44 -2.54
CA ALA A 51 -28.18 10.04 -2.28
C ALA A 51 -28.53 9.89 -0.79
N GLN A 52 -27.92 8.95 -0.08
CA GLN A 52 -28.10 8.82 1.39
C GLN A 52 -27.14 9.73 2.17
N ARG A 53 -26.23 10.44 1.50
CA ARG A 53 -25.27 11.35 2.17
C ARG A 53 -26.00 12.56 2.76
N GLU A 54 -26.94 13.16 2.03
CA GLU A 54 -27.64 14.41 2.43
C GLU A 54 -29.15 14.24 2.29
N MET B 1 -17.46 -9.29 24.06
CA MET B 1 -18.47 -8.81 24.96
C MET B 1 -19.24 -7.70 24.24
N LYS B 2 -20.45 -7.43 24.71
CA LYS B 2 -21.39 -6.44 24.16
C LYS B 2 -21.08 -5.04 24.75
N VAL B 3 -20.86 -4.06 23.88
CA VAL B 3 -20.51 -2.66 24.28
C VAL B 3 -21.26 -1.61 23.45
N ASN B 4 -21.35 -0.40 24.03
CA ASN B 4 -21.92 0.81 23.38
C ASN B 4 -20.81 1.58 22.67
N LYS B 5 -21.19 2.56 21.88
CA LYS B 5 -20.24 3.39 21.10
C LYS B 5 -19.15 3.95 21.99
N LYS B 6 -19.53 4.53 23.11
CA LYS B 6 -18.61 5.17 24.04
C LYS B 6 -17.60 4.15 24.55
N ARG B 7 -18.05 2.99 25.02
CA ARG B 7 -17.14 1.93 25.54
C ARG B 7 -16.25 1.40 24.42
N LEU B 8 -16.79 1.20 23.21
CA LEU B 8 -16.00 0.71 22.04
C LEU B 8 -14.92 1.76 21.71
N ALA B 9 -15.25 3.03 21.77
CA ALA B 9 -14.35 4.15 21.45
C ALA B 9 -13.16 4.12 22.40
N GLU B 10 -13.42 3.90 23.68
CA GLU B 10 -12.37 3.79 24.72
C GLU B 10 -11.49 2.58 24.44
N ILE B 11 -12.08 1.48 23.96
CA ILE B 11 -11.35 0.22 23.72
C ILE B 11 -10.29 0.45 22.65
N PHE B 12 -10.69 1.11 21.59
CA PHE B 12 -9.80 1.43 20.46
C PHE B 12 -9.03 2.74 20.67
N ASN B 13 -9.30 3.47 21.74
CA ASN B 13 -8.71 4.81 21.98
C ASN B 13 -8.92 5.68 20.73
N VAL B 14 -10.17 5.84 20.34
CA VAL B 14 -10.53 6.68 19.17
C VAL B 14 -11.66 7.59 19.58
N ASP B 15 -11.94 8.60 18.78
CA ASP B 15 -13.14 9.43 19.01
C ASP B 15 -14.37 8.56 18.73
N PRO B 16 -15.46 8.80 19.49
CA PRO B 16 -16.77 8.32 19.12
C PRO B 16 -17.05 8.53 17.64
N ARG B 17 -16.60 9.64 17.08
CA ARG B 17 -16.80 9.98 15.64
C ARG B 17 -16.13 8.93 14.75
N THR B 18 -14.99 8.39 15.19
CA THR B 18 -14.21 7.41 14.42
C THR B 18 -15.03 6.13 14.31
N ILE B 19 -15.65 5.74 15.39
CA ILE B 19 -16.57 4.58 15.43
C ILE B 19 -17.64 4.82 14.38
N GLU B 20 -18.23 6.01 14.40
CA GLU B 20 -19.26 6.40 13.41
C GLU B 20 -18.69 6.27 12.00
N ARG B 21 -17.51 6.82 11.75
CA ARG B 21 -16.83 6.68 10.43
C ARG B 21 -16.77 5.21 10.02
N TRP B 22 -16.27 4.37 10.91
CA TRP B 22 -16.00 2.94 10.71
C TRP B 22 -17.31 2.20 10.39
N GLN B 23 -18.39 2.57 11.06
CA GLN B 23 -19.75 2.00 10.85
C GLN B 23 -20.17 2.28 9.40
N SER B 24 -19.95 3.51 8.95
CA SER B 24 -20.25 3.95 7.58
C SER B 24 -19.40 3.18 6.59
N GLN B 25 -18.21 2.70 6.97
CA GLN B 25 -17.31 1.97 6.06
C GLN B 25 -17.62 0.47 6.09
N GLY B 26 -18.50 0.02 6.97
CA GLY B 26 -18.97 -1.37 7.08
C GLY B 26 -18.73 -2.04 8.43
N LEU B 27 -18.30 -1.33 9.44
CA LEU B 27 -18.22 -1.92 10.80
C LEU B 27 -19.63 -2.27 11.23
N PRO B 28 -19.92 -3.58 11.43
CA PRO B 28 -21.27 -4.05 11.73
C PRO B 28 -21.53 -3.88 13.22
N CYS B 29 -22.79 -3.69 13.56
CA CYS B 29 -23.23 -3.58 14.96
C CYS B 29 -24.13 -4.77 15.30
N ALA B 30 -24.11 -5.18 16.56
CA ALA B 30 -24.92 -6.28 17.11
C ALA B 30 -26.40 -5.90 17.18
N SER B 31 -26.66 -4.66 17.58
CA SER B 31 -28.01 -4.08 17.77
C SER B 31 -27.94 -2.57 17.53
N LYS B 32 -28.84 -2.08 16.69
CA LYS B 32 -28.84 -0.68 16.24
C LYS B 32 -29.64 0.17 17.25
N GLY B 33 -30.62 -0.46 17.91
CA GLY B 33 -31.59 0.19 18.78
C GLY B 33 -32.65 0.90 17.95
N SER B 34 -33.53 1.61 18.64
CA SER B 34 -34.53 2.55 18.08
C SER B 34 -33.99 3.96 18.33
N LYS B 35 -34.82 5.00 18.18
CA LYS B 35 -34.38 6.40 18.37
C LYS B 35 -33.77 6.65 19.76
N GLY B 36 -34.41 6.34 20.90
CA GLY B 36 -33.71 6.31 22.22
C GLY B 36 -32.28 5.72 22.15
N ILE B 37 -31.24 6.57 21.98
CA ILE B 37 -29.80 6.29 21.57
C ILE B 37 -29.12 5.13 22.34
N GLU B 38 -28.51 4.16 21.63
CA GLU B 38 -28.25 2.85 22.25
C GLU B 38 -27.74 1.74 21.33
N SER B 39 -26.85 2.01 20.39
CA SER B 39 -26.23 0.92 19.58
C SER B 39 -25.35 0.05 20.51
N VAL B 40 -25.42 -1.25 20.30
CA VAL B 40 -24.55 -2.25 20.98
C VAL B 40 -23.67 -2.91 19.93
N PHE B 41 -22.38 -2.94 20.22
CA PHE B 41 -21.33 -3.55 19.37
C PHE B 41 -20.82 -4.80 20.08
N ASP B 42 -20.42 -5.78 19.27
CA ASP B 42 -19.65 -6.98 19.64
C ASP B 42 -18.14 -6.69 19.49
N THR B 43 -17.42 -6.72 20.61
CA THR B 43 -15.98 -6.37 20.64
C THR B 43 -15.20 -7.32 19.72
N ALA B 44 -15.63 -8.56 19.69
CA ALA B 44 -15.00 -9.60 18.86
C ALA B 44 -15.22 -9.24 17.40
N MET B 45 -16.43 -8.90 17.01
CA MET B 45 -16.76 -8.52 15.63
C MET B 45 -15.92 -7.31 15.22
N ALA B 46 -15.79 -6.33 16.09
CA ALA B 46 -15.15 -5.03 15.80
C ALA B 46 -13.65 -5.24 15.62
N ILE B 47 -13.05 -6.07 16.46
CA ILE B 47 -11.61 -6.40 16.42
C ILE B 47 -11.25 -7.12 15.12
N GLN B 48 -12.07 -8.07 14.68
CA GLN B 48 -11.79 -8.82 13.43
C GLN B 48 -11.97 -7.88 12.22
N TRP B 49 -13.00 -7.05 12.26
CA TRP B 49 -13.26 -6.05 11.20
C TRP B 49 -12.06 -5.14 11.07
N TYR B 50 -11.74 -4.43 12.12
CA TYR B 50 -10.50 -3.61 12.18
C TYR B 50 -9.32 -4.44 11.64
N ALA B 51 -9.13 -5.67 12.08
CA ALA B 51 -7.92 -6.46 11.77
C ALA B 51 -7.86 -6.78 10.27
N GLN B 52 -9.02 -6.91 9.61
CA GLN B 52 -9.10 -7.29 8.18
C GLN B 52 -8.97 -6.06 7.29
N ARG B 53 -9.15 -4.89 7.86
CA ARG B 53 -8.94 -3.61 7.15
C ARG B 53 -7.46 -3.46 6.78
N GLU B 54 -6.58 -3.84 7.69
CA GLU B 54 -5.14 -3.49 7.61
C GLU B 54 -4.25 -4.67 7.98
N MET C 1 5.46 1.30 11.16
CA MET C 1 6.58 0.67 10.52
C MET C 1 7.53 0.06 11.53
N LYS C 2 8.32 -0.91 11.04
CA LYS C 2 9.35 -1.61 11.82
C LYS C 2 10.65 -0.81 11.75
N VAL C 3 11.21 -0.46 12.90
CA VAL C 3 12.46 0.31 13.03
C VAL C 3 13.33 -0.31 14.13
N ASN C 4 14.62 -0.09 14.00
CA ASN C 4 15.58 -0.35 15.10
C ASN C 4 15.56 0.82 16.07
N LYS C 5 16.30 0.66 17.15
CA LYS C 5 16.40 1.63 18.27
C LYS C 5 16.87 3.00 17.78
N LYS C 6 17.72 3.04 16.79
CA LYS C 6 18.33 4.27 16.24
C LYS C 6 17.24 5.08 15.54
N ARG C 7 16.51 4.45 14.62
CA ARG C 7 15.44 5.18 13.88
C ARG C 7 14.34 5.58 14.89
N LEU C 8 14.02 4.73 15.86
CA LEU C 8 12.99 5.02 16.88
C LEU C 8 13.32 6.29 17.67
N ALA C 9 14.57 6.47 18.07
CA ALA C 9 15.05 7.65 18.80
C ALA C 9 14.98 8.87 17.91
N GLU C 10 15.28 8.73 16.63
CA GLU C 10 15.21 9.84 15.64
C GLU C 10 13.77 10.34 15.53
N ILE C 11 12.82 9.42 15.46
CA ILE C 11 11.36 9.70 15.33
C ILE C 11 10.87 10.42 16.59
N PHE C 12 11.28 9.98 17.78
CA PHE C 12 10.89 10.60 19.05
C PHE C 12 11.75 11.84 19.33
N ASN C 13 12.80 12.01 18.54
CA ASN C 13 13.79 13.10 18.69
C ASN C 13 14.23 13.11 20.16
N VAL C 14 14.76 11.97 20.57
CA VAL C 14 15.40 11.74 21.89
C VAL C 14 16.70 10.98 21.73
N ASP C 15 17.48 11.00 22.80
CA ASP C 15 18.69 10.17 22.97
C ASP C 15 18.28 8.71 22.98
N PRO C 16 19.11 7.80 22.38
CA PRO C 16 18.88 6.36 22.52
C PRO C 16 18.68 5.86 23.96
N ARG C 17 19.34 6.42 24.95
CA ARG C 17 19.17 5.94 26.35
C ARG C 17 17.73 6.23 26.81
N THR C 18 17.10 7.26 26.25
CA THR C 18 15.72 7.65 26.55
C THR C 18 14.81 6.48 26.18
N ILE C 19 15.03 5.91 25.03
CA ILE C 19 14.26 4.73 24.56
C ILE C 19 14.41 3.59 25.57
N GLU C 20 15.61 3.43 26.13
CA GLU C 20 15.96 2.39 27.10
C GLU C 20 15.19 2.59 28.41
N ARG C 21 15.10 3.82 28.91
CA ARG C 21 14.27 4.12 30.10
C ARG C 21 12.84 3.68 29.79
N TRP C 22 12.30 4.10 28.67
CA TRP C 22 10.91 3.82 28.26
C TRP C 22 10.71 2.31 28.08
N GLN C 23 11.72 1.57 27.66
CA GLN C 23 11.66 0.08 27.56
C GLN C 23 11.46 -0.49 28.97
N SER C 24 12.27 -0.06 29.93
CA SER C 24 12.21 -0.37 31.38
C SER C 24 10.87 0.03 32.00
N GLN C 25 10.22 1.03 31.44
CA GLN C 25 8.88 1.50 31.87
C GLN C 25 7.83 0.76 31.04
N GLY C 26 8.27 -0.10 30.13
CA GLY C 26 7.43 -1.04 29.38
C GLY C 26 7.19 -0.66 27.94
N LEU C 27 8.02 0.20 27.32
CA LEU C 27 7.96 0.37 25.84
C LEU C 27 8.27 -0.98 25.24
N PRO C 28 7.33 -1.58 24.47
CA PRO C 28 7.52 -2.92 23.94
C PRO C 28 8.26 -3.03 22.60
N CYS C 29 9.02 -4.11 22.58
CA CYS C 29 9.72 -4.68 21.42
C CYS C 29 8.71 -5.40 20.52
N ALA C 30 8.75 -5.13 19.22
CA ALA C 30 8.01 -5.89 18.20
C ALA C 30 8.68 -7.26 18.07
N SER C 31 10.01 -7.28 18.11
CA SER C 31 10.80 -8.53 18.00
C SER C 31 11.31 -8.93 19.40
N LYS C 32 12.61 -9.22 19.51
CA LYS C 32 13.23 -9.61 20.80
C LYS C 32 14.75 -9.50 20.69
N GLY C 33 15.42 -9.03 21.75
CA GLY C 33 16.88 -8.88 21.75
C GLY C 33 17.35 -7.78 22.71
N SER C 34 18.64 -7.46 22.66
CA SER C 34 19.23 -6.41 23.54
C SER C 34 19.37 -5.08 22.78
N LYS C 35 20.42 -4.98 21.95
CA LYS C 35 20.91 -3.70 21.38
C LYS C 35 20.10 -3.32 20.13
N GLY C 36 20.39 -2.14 19.57
CA GLY C 36 19.64 -1.49 18.48
C GLY C 36 19.30 -2.42 17.32
N ILE C 37 20.28 -2.70 16.46
CA ILE C 37 20.14 -3.40 15.14
C ILE C 37 19.07 -4.50 15.24
N GLU C 38 19.38 -5.58 15.95
CA GLU C 38 18.54 -6.80 15.94
C GLU C 38 17.15 -6.40 16.44
N SER C 39 17.09 -5.77 17.62
CA SER C 39 15.79 -5.40 18.25
C SER C 39 14.96 -4.57 17.28
N VAL C 40 13.71 -4.95 17.10
CA VAL C 40 12.80 -4.22 16.18
C VAL C 40 11.70 -3.63 17.06
N PHE C 41 11.34 -2.39 16.79
CA PHE C 41 10.18 -1.73 17.44
C PHE C 41 9.17 -1.44 16.36
N ASP C 42 7.90 -1.59 16.72
CA ASP C 42 6.79 -1.10 15.89
C ASP C 42 6.52 0.35 16.27
N THR C 43 6.54 1.25 15.29
CA THR C 43 6.41 2.71 15.56
C THR C 43 5.03 3.04 16.07
N ALA C 44 4.01 2.40 15.50
CA ALA C 44 2.61 2.61 15.91
C ALA C 44 2.45 2.14 17.34
N MET C 45 3.07 1.01 17.68
CA MET C 45 3.00 0.46 19.06
C MET C 45 3.73 1.38 20.04
N ALA C 46 4.85 1.96 19.64
CA ALA C 46 5.69 2.83 20.48
C ALA C 46 4.94 4.10 20.85
N ILE C 47 4.26 4.66 19.86
CA ILE C 47 3.47 5.91 19.97
C ILE C 47 2.30 5.69 20.93
N GLN C 48 1.58 4.62 20.70
CA GLN C 48 0.41 4.25 21.54
C GLN C 48 0.84 4.10 23.00
N TRP C 49 1.94 3.40 23.22
CA TRP C 49 2.53 3.22 24.57
C TRP C 49 2.84 4.62 25.09
N TYR C 50 3.41 5.47 24.25
CA TYR C 50 3.75 6.86 24.67
C TYR C 50 2.48 7.63 25.04
N ALA C 51 1.42 7.47 24.26
CA ALA C 51 0.13 8.17 24.42
C ALA C 51 -0.60 7.74 25.70
N GLN C 52 -0.21 6.61 26.26
CA GLN C 52 -0.90 5.96 27.41
C GLN C 52 -0.20 6.29 28.72
N ARG C 53 1.03 6.80 28.67
CA ARG C 53 1.86 7.04 29.88
C ARG C 53 0.99 7.81 30.88
N GLU C 54 0.47 8.96 30.46
CA GLU C 54 -0.50 9.78 31.20
C GLU C 54 -1.49 10.37 30.19
N MET D 1 0.42 -13.53 -13.55
CA MET D 1 -0.61 -12.81 -12.86
C MET D 1 -1.68 -12.37 -13.86
N LYS D 2 -2.92 -12.26 -13.36
CA LYS D 2 -4.10 -11.80 -14.12
C LYS D 2 -4.04 -10.30 -14.26
N VAL D 3 -4.18 -9.81 -15.49
CA VAL D 3 -4.05 -8.36 -15.74
C VAL D 3 -5.05 -7.89 -16.77
N ASN D 4 -5.48 -6.63 -16.66
CA ASN D 4 -6.32 -5.99 -17.68
C ASN D 4 -5.38 -5.41 -18.76
N LYS D 5 -5.90 -4.77 -19.81
CA LYS D 5 -5.06 -4.36 -20.95
C LYS D 5 -4.20 -3.12 -20.58
N LYS D 6 -4.64 -2.27 -19.65
CA LYS D 6 -3.92 -1.03 -19.26
C LYS D 6 -2.52 -1.43 -18.79
N ARG D 7 -2.51 -2.32 -17.81
CA ARG D 7 -1.29 -2.78 -17.14
C ARG D 7 -0.46 -3.58 -18.13
N LEU D 8 -1.10 -4.38 -18.96
CA LEU D 8 -0.35 -5.24 -19.89
C LEU D 8 0.42 -4.34 -20.85
N ALA D 9 -0.22 -3.29 -21.29
CA ALA D 9 0.40 -2.25 -22.13
C ALA D 9 1.60 -1.64 -21.40
N GLU D 10 1.44 -1.33 -20.12
CA GLU D 10 2.51 -0.78 -19.24
C GLU D 10 3.66 -1.79 -19.16
N ILE D 11 3.32 -3.06 -18.99
CA ILE D 11 4.31 -4.16 -18.80
C ILE D 11 5.16 -4.24 -20.05
N PHE D 12 4.53 -4.21 -21.20
CA PHE D 12 5.20 -4.31 -22.52
C PHE D 12 5.78 -2.94 -22.88
N ASN D 13 5.43 -1.91 -22.10
CA ASN D 13 5.78 -0.50 -22.35
C ASN D 13 5.53 -0.19 -23.81
N VAL D 14 4.31 -0.45 -24.22
CA VAL D 14 3.79 -0.10 -25.56
C VAL D 14 2.49 0.64 -25.40
N ASP D 15 2.09 1.25 -26.50
CA ASP D 15 0.77 1.89 -26.64
C ASP D 15 -0.27 0.79 -26.57
N PRO D 16 -1.45 1.09 -25.95
CA PRO D 16 -2.61 0.20 -25.98
C PRO D 16 -2.97 -0.34 -27.37
N ARG D 17 -2.74 0.44 -28.44
CA ARG D 17 -3.07 0.04 -29.83
C ARG D 17 -2.20 -1.16 -30.19
N THR D 18 -0.92 -1.08 -29.90
CA THR D 18 0.05 -2.17 -30.12
C THR D 18 -0.55 -3.47 -29.55
N ILE D 19 -1.14 -3.38 -28.35
CA ILE D 19 -1.77 -4.53 -27.66
C ILE D 19 -2.91 -5.04 -28.53
N GLU D 20 -3.74 -4.13 -29.04
CA GLU D 20 -4.85 -4.47 -29.96
C GLU D 20 -4.26 -5.16 -31.20
N ARG D 21 -3.17 -4.63 -31.74
CA ARG D 21 -2.54 -5.19 -32.96
C ARG D 21 -2.17 -6.65 -32.71
N TRP D 22 -1.31 -6.91 -31.73
CA TRP D 22 -0.85 -8.26 -31.32
C TRP D 22 -2.04 -9.17 -31.02
N GLN D 23 -3.14 -8.65 -30.51
CA GLN D 23 -4.37 -9.43 -30.24
C GLN D 23 -4.88 -9.97 -31.58
N SER D 24 -4.98 -9.09 -32.56
CA SER D 24 -5.36 -9.39 -33.96
C SER D 24 -4.41 -10.44 -34.57
N GLN D 25 -3.14 -10.47 -34.14
CA GLN D 25 -2.12 -11.44 -34.64
C GLN D 25 -2.12 -12.69 -33.75
N GLY D 26 -3.01 -12.76 -32.75
CA GLY D 26 -3.26 -13.96 -31.94
C GLY D 26 -2.72 -13.92 -30.53
N LEU D 27 -2.35 -12.74 -30.01
CA LEU D 27 -2.08 -12.58 -28.55
C LEU D 27 -3.38 -12.92 -27.84
N PRO D 28 -3.36 -13.96 -27.01
CA PRO D 28 -4.56 -14.52 -26.41
C PRO D 28 -5.03 -13.84 -25.10
N CYS D 29 -6.29 -14.11 -24.76
CA CYS D 29 -7.02 -13.60 -23.58
C CYS D 29 -7.26 -14.79 -22.65
N ALA D 30 -7.36 -14.55 -21.35
CA ALA D 30 -7.68 -15.59 -20.35
C ALA D 30 -9.21 -15.59 -20.15
N SER D 31 -9.78 -14.39 -20.11
CA SER D 31 -11.23 -14.12 -20.14
C SER D 31 -11.51 -13.27 -21.37
N LYS D 32 -12.43 -13.70 -22.22
CA LYS D 32 -12.72 -13.02 -23.50
C LYS D 32 -13.51 -11.73 -23.16
N GLY D 33 -14.28 -11.25 -24.11
CA GLY D 33 -15.37 -10.29 -23.86
C GLY D 33 -15.29 -9.13 -24.85
N SER D 34 -14.42 -8.17 -24.55
CA SER D 34 -14.12 -6.99 -25.42
C SER D 34 -12.69 -6.48 -25.12
N LYS D 35 -12.56 -5.22 -24.72
CA LYS D 35 -11.28 -4.58 -24.36
C LYS D 35 -11.50 -3.87 -23.03
N GLY D 36 -11.45 -2.54 -23.04
CA GLY D 36 -11.48 -1.63 -21.87
C GLY D 36 -10.95 -2.29 -20.62
N ILE D 37 -11.83 -2.42 -19.63
CA ILE D 37 -11.56 -3.02 -18.30
C ILE D 37 -11.70 -4.55 -18.38
N GLU D 38 -12.85 -5.07 -18.81
CA GLU D 38 -13.37 -6.43 -18.47
C GLU D 38 -12.38 -7.55 -18.82
N SER D 39 -11.73 -7.42 -19.96
CA SER D 39 -10.82 -8.44 -20.56
C SER D 39 -9.58 -8.68 -19.68
N VAL D 40 -9.18 -9.94 -19.53
CA VAL D 40 -8.01 -10.34 -18.67
C VAL D 40 -6.94 -11.06 -19.50
N PHE D 41 -5.68 -10.65 -19.36
CA PHE D 41 -4.57 -11.28 -20.12
C PHE D 41 -3.49 -11.81 -19.17
N ASP D 42 -3.25 -13.12 -19.22
CA ASP D 42 -2.21 -13.78 -18.41
C ASP D 42 -0.91 -13.22 -18.95
N THR D 43 -0.14 -12.55 -18.11
CA THR D 43 1.12 -11.88 -18.52
C THR D 43 2.13 -12.92 -19.01
N ALA D 44 2.26 -14.03 -18.31
CA ALA D 44 3.16 -15.13 -18.69
C ALA D 44 2.74 -15.67 -20.04
N MET D 45 1.44 -15.78 -20.27
CA MET D 45 0.84 -16.20 -21.56
C MET D 45 1.19 -15.21 -22.67
N ALA D 46 1.07 -13.93 -22.41
CA ALA D 46 1.38 -12.86 -23.37
C ALA D 46 2.86 -12.84 -23.70
N ILE D 47 3.71 -12.97 -22.70
CA ILE D 47 5.19 -13.01 -22.89
C ILE D 47 5.57 -14.18 -23.79
N GLN D 48 4.96 -15.34 -23.53
CA GLN D 48 5.18 -16.56 -24.34
C GLN D 48 4.78 -16.30 -25.79
N TRP D 49 3.63 -15.68 -26.01
CA TRP D 49 3.17 -15.31 -27.36
C TRP D 49 4.19 -14.40 -28.02
N TYR D 50 4.65 -13.39 -27.29
CA TYR D 50 5.69 -12.45 -27.78
C TYR D 50 6.92 -13.25 -28.14
N ALA D 51 7.24 -14.23 -27.32
CA ALA D 51 8.43 -15.09 -27.49
C ALA D 51 8.36 -15.88 -28.81
N GLN D 52 7.24 -16.50 -29.10
CA GLN D 52 7.09 -17.40 -30.26
C GLN D 52 6.98 -16.64 -31.57
N ARG D 53 6.71 -15.34 -31.55
CA ARG D 53 6.31 -14.65 -32.80
C ARG D 53 7.53 -14.58 -33.72
N GLU D 54 8.66 -14.07 -33.20
CA GLU D 54 9.86 -13.76 -34.02
C GLU D 54 11.11 -14.19 -33.24
N MET E 1 12.46 14.86 13.77
CA MET E 1 12.96 14.92 12.40
C MET E 1 11.83 15.40 11.47
N LYS E 2 12.14 16.01 10.34
CA LYS E 2 11.15 16.35 9.29
C LYS E 2 10.88 15.19 8.35
N VAL E 3 9.61 14.93 8.10
CA VAL E 3 9.09 13.87 7.22
C VAL E 3 7.93 14.42 6.39
N ASN E 4 7.66 13.74 5.32
CA ASN E 4 6.54 14.04 4.42
C ASN E 4 5.28 13.37 4.96
N LYS E 5 4.17 13.50 4.25
CA LYS E 5 2.90 12.88 4.66
C LYS E 5 3.00 11.36 4.53
N LYS E 6 3.75 10.88 3.54
CA LYS E 6 3.83 9.44 3.26
C LYS E 6 4.61 8.77 4.39
N ARG E 7 5.69 9.40 4.83
CA ARG E 7 6.51 8.85 5.92
C ARG E 7 5.74 8.93 7.23
N LEU E 8 5.01 10.02 7.47
CA LEU E 8 4.28 10.17 8.74
C LEU E 8 3.28 9.04 8.88
N ALA E 9 2.56 8.76 7.79
CA ALA E 9 1.51 7.74 7.68
C ALA E 9 2.08 6.36 8.05
N GLU E 10 3.24 5.99 7.53
CA GLU E 10 3.94 4.73 7.89
C GLU E 10 4.32 4.69 9.39
N ILE E 11 4.81 5.80 9.91
CA ILE E 11 5.19 5.97 11.34
C ILE E 11 3.99 5.66 12.24
N PHE E 12 2.86 6.23 11.93
CA PHE E 12 1.59 6.00 12.67
C PHE E 12 0.90 4.73 12.19
N ASN E 13 1.32 4.14 11.07
CA ASN E 13 0.69 2.99 10.38
C ASN E 13 -0.79 3.29 10.16
N VAL E 14 -1.07 4.45 9.63
CA VAL E 14 -2.41 4.85 9.12
C VAL E 14 -2.28 5.21 7.64
N ASP E 15 -3.43 5.24 6.97
CA ASP E 15 -3.51 5.73 5.59
C ASP E 15 -3.12 7.20 5.56
N PRO E 16 -2.50 7.68 4.46
CA PRO E 16 -2.29 9.11 4.28
C PRO E 16 -3.52 10.02 4.46
N ARG E 17 -4.72 9.44 4.38
CA ARG E 17 -5.98 10.18 4.53
C ARG E 17 -6.18 10.56 6.00
N THR E 18 -5.87 9.64 6.88
CA THR E 18 -6.06 9.86 8.32
C THR E 18 -5.14 11.02 8.75
N ILE E 19 -3.96 11.12 8.15
CA ILE E 19 -3.05 12.26 8.40
C ILE E 19 -3.77 13.53 7.93
N GLU E 20 -4.44 13.52 6.79
CA GLU E 20 -5.17 14.71 6.33
C GLU E 20 -6.26 15.03 7.35
N ARG E 21 -7.02 14.04 7.78
CA ARG E 21 -8.04 14.26 8.85
C ARG E 21 -7.37 14.90 10.06
N TRP E 22 -6.25 14.35 10.49
CA TRP E 22 -5.49 14.86 11.66
C TRP E 22 -5.06 16.32 11.41
N GLN E 23 -4.62 16.66 10.22
CA GLN E 23 -4.28 18.05 9.80
C GLN E 23 -5.50 18.95 9.95
N SER E 24 -6.63 18.51 9.41
CA SER E 24 -7.94 19.21 9.50
C SER E 24 -8.29 19.45 10.97
N GLN E 25 -7.84 18.57 11.88
CA GLN E 25 -8.14 18.70 13.32
C GLN E 25 -7.01 19.48 14.05
N GLY E 26 -6.04 20.02 13.33
CA GLY E 26 -5.04 20.90 13.91
C GLY E 26 -3.74 20.23 14.31
N LEU E 27 -3.43 19.11 13.66
CA LEU E 27 -2.07 18.51 13.71
C LEU E 27 -1.12 19.56 13.20
N PRO E 28 -0.10 19.96 13.96
CA PRO E 28 0.81 20.97 13.45
C PRO E 28 1.61 20.35 12.30
N CYS E 29 1.77 21.13 11.24
CA CYS E 29 2.55 20.72 10.06
C CYS E 29 3.33 21.89 9.52
N ALA E 30 2.64 22.93 9.08
CA ALA E 30 3.25 24.15 8.54
C ALA E 30 4.29 23.82 7.46
N SER E 31 3.87 23.95 6.19
CA SER E 31 4.44 23.20 5.05
C SER E 31 4.39 23.99 3.74
N LYS E 32 3.19 24.46 3.37
CA LYS E 32 2.88 25.29 2.17
C LYS E 32 2.52 24.39 0.97
N GLY E 33 1.59 24.86 0.13
CA GLY E 33 1.48 24.49 -1.29
C GLY E 33 0.91 23.11 -1.54
N SER E 34 1.17 22.14 -0.67
CA SER E 34 0.87 20.72 -0.97
C SER E 34 0.55 19.90 0.28
N LYS E 35 0.35 18.60 0.03
CA LYS E 35 0.27 17.53 1.06
C LYS E 35 0.93 16.28 0.46
N GLY E 36 1.85 15.68 1.21
CA GLY E 36 2.86 14.73 0.71
C GLY E 36 4.24 15.31 0.97
N ILE E 37 5.09 15.38 -0.08
CA ILE E 37 6.49 15.92 -0.07
C ILE E 37 6.48 17.46 -0.24
N GLU E 38 5.43 18.17 0.19
CA GLU E 38 5.40 19.63 0.44
C GLU E 38 4.53 19.95 1.66
N SER E 39 3.76 19.00 2.15
CA SER E 39 3.36 19.02 3.58
C SER E 39 4.55 18.45 4.34
N VAL E 40 5.03 19.19 5.33
CA VAL E 40 6.24 18.75 6.09
C VAL E 40 5.87 18.72 7.57
N PHE E 41 6.37 17.73 8.29
CA PHE E 41 6.16 17.67 9.74
C PHE E 41 7.35 17.08 10.47
N ASP E 42 7.58 17.62 11.66
CA ASP E 42 8.52 17.02 12.59
C ASP E 42 7.73 16.01 13.44
N THR E 43 8.36 14.89 13.61
CA THR E 43 7.79 13.67 14.20
C THR E 43 7.50 13.85 15.70
N ALA E 44 8.39 14.52 16.46
CA ALA E 44 8.15 14.70 17.93
C ALA E 44 6.89 15.51 18.20
N MET E 45 6.65 16.54 17.41
CA MET E 45 5.44 17.41 17.50
C MET E 45 4.18 16.62 17.10
N ALA E 46 4.28 15.67 16.19
CA ALA E 46 3.14 14.84 15.75
C ALA E 46 2.69 13.91 16.87
N ILE E 47 3.65 13.24 17.48
CA ILE E 47 3.43 12.24 18.53
C ILE E 47 2.85 12.91 19.77
N GLN E 48 3.32 14.08 20.13
CA GLN E 48 2.77 14.84 21.26
C GLN E 48 1.32 15.22 20.98
N TRP E 49 1.07 15.69 19.76
CA TRP E 49 -0.27 16.04 19.28
C TRP E 49 -1.15 14.81 19.41
N TYR E 50 -0.62 13.63 19.06
CA TYR E 50 -1.35 12.34 19.12
C TYR E 50 -1.74 12.02 20.55
N ALA E 51 -0.81 12.17 21.49
CA ALA E 51 -1.01 11.89 22.94
C ALA E 51 -2.08 12.79 23.57
N GLN E 52 -2.17 14.03 23.16
CA GLN E 52 -2.97 15.08 23.87
C GLN E 52 -4.47 15.02 23.51
N ARG E 53 -4.85 14.19 22.52
CA ARG E 53 -6.26 14.01 22.11
C ARG E 53 -7.05 13.23 23.15
N GLU E 54 -6.59 12.03 23.51
CA GLU E 54 -7.29 11.13 24.49
C GLU E 54 -6.27 10.45 25.44
N MET F 1 -7.79 1.70 26.73
CA MET F 1 -8.02 1.81 28.14
C MET F 1 -7.26 0.72 28.87
N LYS F 2 -6.99 0.97 30.13
CA LYS F 2 -6.27 0.02 30.98
C LYS F 2 -7.27 -1.03 31.43
N VAL F 3 -6.93 -2.29 31.20
CA VAL F 3 -7.76 -3.46 31.66
C VAL F 3 -6.86 -4.55 32.19
N ASN F 4 -7.47 -5.45 32.95
CA ASN F 4 -6.87 -6.72 33.41
C ASN F 4 -7.12 -7.85 32.40
N LYS F 5 -6.45 -8.98 32.65
CA LYS F 5 -6.47 -10.23 31.86
C LYS F 5 -7.91 -10.68 31.60
N LYS F 6 -8.75 -10.63 32.61
CA LYS F 6 -10.16 -11.02 32.52
C LYS F 6 -10.88 -10.17 31.49
N ARG F 7 -10.81 -8.85 31.63
CA ARG F 7 -11.59 -7.91 30.80
C ARG F 7 -11.08 -7.98 29.37
N LEU F 8 -9.78 -8.09 29.22
CA LEU F 8 -9.15 -8.27 27.90
C LEU F 8 -9.68 -9.54 27.22
N ALA F 9 -9.71 -10.67 27.93
CA ALA F 9 -10.21 -11.94 27.39
C ALA F 9 -11.69 -11.77 27.04
N GLU F 10 -12.39 -10.99 27.82
CA GLU F 10 -13.82 -10.66 27.58
C GLU F 10 -13.96 -9.75 26.34
N ILE F 11 -13.00 -8.87 26.10
CA ILE F 11 -13.04 -7.94 24.95
C ILE F 11 -12.76 -8.73 23.69
N PHE F 12 -11.71 -9.56 23.68
CA PHE F 12 -11.33 -10.34 22.48
C PHE F 12 -12.27 -11.54 22.34
N ASN F 13 -13.03 -11.81 23.38
CA ASN F 13 -13.91 -12.98 23.49
C ASN F 13 -13.14 -14.27 23.27
N VAL F 14 -12.03 -14.45 23.96
CA VAL F 14 -11.28 -15.72 23.99
C VAL F 14 -11.04 -16.15 25.42
N ASP F 15 -10.68 -17.42 25.55
CA ASP F 15 -10.25 -18.03 26.82
C ASP F 15 -9.01 -17.32 27.32
N PRO F 16 -8.95 -17.10 28.64
CA PRO F 16 -7.78 -16.59 29.33
C PRO F 16 -6.44 -17.20 28.91
N ARG F 17 -6.45 -18.49 28.61
CA ARG F 17 -5.28 -19.25 28.17
C ARG F 17 -4.81 -18.68 26.83
N THR F 18 -5.72 -18.26 25.97
CA THR F 18 -5.39 -17.69 24.64
C THR F 18 -4.63 -16.39 24.86
N ILE F 19 -5.09 -15.58 25.81
CA ILE F 19 -4.41 -14.33 26.20
C ILE F 19 -2.98 -14.67 26.58
N GLU F 20 -2.79 -15.64 27.46
CA GLU F 20 -1.43 -16.12 27.86
C GLU F 20 -0.63 -16.54 26.61
N ARG F 21 -1.21 -17.33 25.73
CA ARG F 21 -0.57 -17.70 24.43
C ARG F 21 -0.07 -16.45 23.68
N TRP F 22 -0.89 -15.43 23.56
CA TRP F 22 -0.57 -14.17 22.83
C TRP F 22 0.59 -13.41 23.49
N GLN F 23 0.67 -13.45 24.81
CA GLN F 23 1.74 -12.88 25.66
C GLN F 23 3.09 -13.53 25.34
N SER F 24 3.12 -14.85 25.21
CA SER F 24 4.31 -15.65 24.83
C SER F 24 4.75 -15.27 23.40
N GLN F 25 3.83 -14.76 22.58
CA GLN F 25 4.11 -14.35 21.18
C GLN F 25 4.34 -12.81 21.06
N GLY F 26 4.36 -12.07 22.16
CA GLY F 26 4.78 -10.65 22.23
C GLY F 26 3.67 -9.61 22.43
N LEU F 27 2.42 -10.00 22.70
CA LEU F 27 1.35 -9.05 23.04
C LEU F 27 1.79 -8.29 24.28
N PRO F 28 1.92 -6.96 24.20
CA PRO F 28 2.48 -6.20 25.29
C PRO F 28 1.45 -5.88 26.36
N CYS F 29 1.90 -5.89 27.60
CA CYS F 29 1.10 -5.39 28.73
C CYS F 29 1.85 -4.21 29.33
N ALA F 30 1.10 -3.27 29.88
CA ALA F 30 1.65 -2.03 30.44
C ALA F 30 2.46 -2.39 31.69
N SER F 31 2.13 -3.50 32.37
CA SER F 31 2.85 -4.03 33.56
C SER F 31 2.65 -5.55 33.70
N LYS F 32 3.73 -6.33 33.71
CA LYS F 32 3.66 -7.83 33.68
C LYS F 32 3.95 -8.45 35.04
N GLY F 33 3.02 -9.26 35.53
CA GLY F 33 3.08 -9.96 36.82
C GLY F 33 2.92 -8.99 37.97
N SER F 34 3.34 -9.39 39.17
CA SER F 34 3.53 -8.53 40.36
C SER F 34 3.62 -9.34 41.67
N LYS F 35 3.61 -8.57 42.77
CA LYS F 35 3.55 -9.08 44.15
C LYS F 35 2.18 -8.71 44.73
N GLY F 36 1.10 -9.36 44.25
CA GLY F 36 -0.28 -9.13 44.72
C GLY F 36 -1.11 -8.25 43.79
N ILE F 37 -0.48 -7.55 42.86
CA ILE F 37 -1.13 -6.71 41.82
C ILE F 37 -1.25 -7.59 40.56
N GLU F 38 -2.23 -7.28 39.73
CA GLU F 38 -2.55 -8.07 38.51
C GLU F 38 -1.99 -7.34 37.29
N SER F 39 -1.67 -8.06 36.24
CA SER F 39 -1.17 -7.50 34.96
C SER F 39 -2.21 -6.48 34.44
N VAL F 40 -1.72 -5.41 33.84
CA VAL F 40 -2.60 -4.37 33.23
C VAL F 40 -2.22 -4.25 31.78
N PHE F 41 -3.20 -4.37 30.90
CA PHE F 41 -2.99 -4.27 29.43
C PHE F 41 -3.68 -3.00 28.91
N ASP F 42 -3.12 -2.41 27.86
CA ASP F 42 -3.79 -1.34 27.10
C ASP F 42 -4.52 -1.94 25.93
N THR F 43 -5.82 -1.74 25.89
CA THR F 43 -6.75 -2.34 24.91
C THR F 43 -6.33 -1.98 23.48
N ALA F 44 -6.04 -0.71 23.20
CA ALA F 44 -5.66 -0.28 21.85
C ALA F 44 -4.35 -0.95 21.41
N MET F 45 -3.34 -1.00 22.26
CA MET F 45 -2.04 -1.63 21.98
C MET F 45 -2.18 -3.12 21.68
N ALA F 46 -3.06 -3.81 22.39
CA ALA F 46 -3.36 -5.26 22.23
C ALA F 46 -4.02 -5.54 20.89
N ILE F 47 -4.97 -4.72 20.51
CA ILE F 47 -5.63 -4.77 19.18
C ILE F 47 -4.63 -4.52 18.04
N GLN F 48 -3.75 -3.54 18.18
CA GLN F 48 -2.72 -3.30 17.13
C GLN F 48 -1.91 -4.58 16.96
N TRP F 49 -1.59 -5.20 18.08
CA TRP F 49 -0.85 -6.48 18.12
C TRP F 49 -1.60 -7.55 17.36
N TYR F 50 -2.82 -7.82 17.75
CA TYR F 50 -3.69 -8.77 17.03
C TYR F 50 -3.69 -8.48 15.54
N ALA F 51 -3.85 -7.21 15.13
CA ALA F 51 -4.13 -6.78 13.74
C ALA F 51 -2.91 -6.98 12.82
N GLN F 52 -1.72 -6.70 13.33
CA GLN F 52 -0.43 -6.83 12.62
C GLN F 52 0.01 -8.31 12.50
N ARG F 53 -0.70 -9.23 13.16
CA ARG F 53 -0.35 -10.69 13.09
C ARG F 53 -0.48 -11.20 11.65
N GLU F 54 -1.74 -11.38 11.18
CA GLU F 54 -2.05 -11.80 9.79
C GLU F 54 -2.62 -10.61 9.01
N MET G 1 8.25 -0.48 -17.69
CA MET G 1 8.11 0.05 -16.35
C MET G 1 9.17 -0.61 -15.44
N LYS G 2 9.54 0.05 -14.36
CA LYS G 2 10.40 -0.50 -13.29
C LYS G 2 9.61 -1.35 -12.31
N VAL G 3 10.11 -2.52 -11.95
CA VAL G 3 9.52 -3.42 -10.93
C VAL G 3 10.58 -4.04 -10.03
N ASN G 4 10.15 -4.53 -8.88
CA ASN G 4 10.97 -5.30 -7.93
C ASN G 4 10.99 -6.76 -8.42
N LYS G 5 11.74 -7.62 -7.73
CA LYS G 5 11.91 -9.02 -8.18
C LYS G 5 10.59 -9.79 -7.99
N LYS G 6 9.82 -9.41 -6.99
CA LYS G 6 8.58 -10.14 -6.63
C LYS G 6 7.56 -9.93 -7.75
N ARG G 7 7.43 -8.70 -8.24
CA ARG G 7 6.47 -8.32 -9.31
C ARG G 7 6.94 -8.90 -10.64
N LEU G 8 8.25 -8.94 -10.90
CA LEU G 8 8.77 -9.51 -12.15
C LEU G 8 8.49 -11.00 -12.21
N ALA G 9 8.68 -11.73 -11.10
CA ALA G 9 8.45 -13.18 -11.01
C ALA G 9 6.97 -13.48 -11.23
N GLU G 10 6.06 -12.64 -10.73
CA GLU G 10 4.60 -12.79 -10.90
C GLU G 10 4.19 -12.57 -12.37
N ILE G 11 4.82 -11.58 -13.00
CA ILE G 11 4.65 -11.23 -14.43
C ILE G 11 5.01 -12.46 -15.26
N PHE G 12 6.11 -13.08 -14.91
CA PHE G 12 6.64 -14.29 -15.59
C PHE G 12 5.99 -15.57 -15.06
N ASN G 13 5.24 -15.49 -13.94
CA ASN G 13 4.64 -16.63 -13.19
C ASN G 13 5.73 -17.66 -12.95
N VAL G 14 6.84 -17.20 -12.42
CA VAL G 14 7.97 -18.08 -12.00
C VAL G 14 8.28 -17.87 -10.52
N ASP G 15 9.05 -18.75 -9.93
CA ASP G 15 9.56 -18.52 -8.54
C ASP G 15 10.61 -17.43 -8.60
N PRO G 16 10.70 -16.59 -7.55
CA PRO G 16 11.79 -15.63 -7.38
C PRO G 16 13.20 -16.21 -7.63
N ARG G 17 13.40 -17.49 -7.34
CA ARG G 17 14.68 -18.20 -7.56
C ARG G 17 14.98 -18.20 -9.06
N THR G 18 13.95 -18.34 -9.90
CA THR G 18 14.12 -18.39 -11.38
C THR G 18 14.66 -17.04 -11.86
N ILE G 19 14.15 -15.95 -11.30
CA ILE G 19 14.57 -14.58 -11.67
C ILE G 19 16.04 -14.43 -11.32
N GLU G 20 16.48 -15.00 -10.20
CA GLU G 20 17.90 -14.92 -9.79
C GLU G 20 18.74 -15.65 -10.84
N ARG G 21 18.28 -16.80 -11.29
CA ARG G 21 19.04 -17.65 -12.24
C ARG G 21 19.20 -16.83 -13.52
N TRP G 22 18.11 -16.24 -13.99
CA TRP G 22 18.08 -15.45 -15.24
C TRP G 22 19.01 -14.25 -15.13
N GLN G 23 19.12 -13.61 -13.99
CA GLN G 23 20.12 -12.55 -13.74
C GLN G 23 21.54 -13.09 -13.98
N SER G 24 21.85 -14.25 -13.38
CA SER G 24 23.11 -15.00 -13.58
C SER G 24 23.28 -15.36 -15.05
N GLN G 25 22.18 -15.61 -15.75
CA GLN G 25 22.25 -15.94 -17.19
C GLN G 25 22.35 -14.63 -18.02
N GLY G 26 22.26 -13.49 -17.37
CA GLY G 26 22.44 -12.15 -18.00
C GLY G 26 21.14 -11.42 -18.32
N LEU G 27 20.08 -11.68 -17.56
CA LEU G 27 18.83 -10.86 -17.62
C LEU G 27 19.19 -9.44 -17.20
N PRO G 28 18.86 -8.43 -18.02
CA PRO G 28 19.13 -7.05 -17.70
C PRO G 28 18.39 -6.57 -16.45
N CYS G 29 19.11 -5.82 -15.64
CA CYS G 29 18.64 -5.29 -14.35
C CYS G 29 19.64 -4.30 -13.79
N ALA G 30 19.33 -3.69 -12.65
CA ALA G 30 20.06 -2.55 -12.07
C ALA G 30 19.82 -2.39 -10.55
N SER G 31 20.46 -1.33 -9.99
CA SER G 31 20.37 -0.84 -8.60
C SER G 31 20.57 -2.01 -7.64
N LYS G 32 21.78 -2.26 -7.15
CA LYS G 32 22.08 -3.61 -6.59
C LYS G 32 22.74 -3.52 -5.20
N GLY G 33 22.70 -4.69 -4.58
CA GLY G 33 23.35 -5.12 -3.34
C GLY G 33 22.93 -6.54 -3.00
N SER G 34 21.74 -7.00 -3.43
CA SER G 34 21.12 -8.29 -3.00
C SER G 34 19.83 -8.67 -3.77
N LYS G 35 18.74 -8.88 -3.04
CA LYS G 35 17.51 -9.65 -3.40
C LYS G 35 16.55 -8.69 -4.12
N GLY G 36 15.33 -8.50 -3.57
CA GLY G 36 14.16 -7.90 -4.26
C GLY G 36 13.96 -6.39 -4.04
N ILE G 37 13.96 -5.94 -2.77
CA ILE G 37 13.87 -4.50 -2.36
C ILE G 37 15.08 -3.70 -2.90
N GLU G 38 16.08 -4.37 -3.49
CA GLU G 38 17.33 -3.73 -3.98
C GLU G 38 17.48 -3.80 -5.51
N SER G 39 17.48 -5.00 -6.09
CA SER G 39 17.49 -5.22 -7.56
C SER G 39 16.18 -4.72 -8.17
N VAL G 40 16.31 -3.96 -9.26
CA VAL G 40 15.19 -3.32 -10.01
C VAL G 40 15.31 -3.63 -11.49
N PHE G 41 14.18 -3.94 -12.12
CA PHE G 41 14.10 -4.45 -13.51
C PHE G 41 13.26 -3.53 -14.38
N ASP G 42 13.73 -3.30 -15.59
CA ASP G 42 12.90 -2.73 -16.66
C ASP G 42 12.09 -3.87 -17.25
N THR G 43 10.77 -3.73 -17.29
CA THR G 43 9.87 -4.83 -17.71
C THR G 43 10.03 -5.14 -19.21
N ALA G 44 10.06 -4.11 -20.04
CA ALA G 44 10.24 -4.30 -21.49
C ALA G 44 11.55 -5.04 -21.76
N MET G 45 12.62 -4.59 -21.13
CA MET G 45 13.97 -5.08 -21.38
C MET G 45 14.11 -6.56 -20.99
N ALA G 46 13.45 -6.96 -19.92
CA ALA G 46 13.43 -8.35 -19.46
C ALA G 46 12.69 -9.25 -20.44
N ILE G 47 11.52 -8.81 -20.90
CA ILE G 47 10.66 -9.54 -21.88
C ILE G 47 11.41 -9.72 -23.17
N GLN G 48 12.03 -8.68 -23.66
CA GLN G 48 12.82 -8.80 -24.91
C GLN G 48 13.92 -9.85 -24.69
N TRP G 49 14.59 -9.81 -23.55
CA TRP G 49 15.62 -10.80 -23.16
C TRP G 49 15.03 -12.21 -23.07
N TYR G 50 13.85 -12.39 -22.49
CA TYR G 50 13.17 -13.69 -22.43
C TYR G 50 13.01 -14.19 -23.86
N ALA G 51 12.61 -13.31 -24.75
CA ALA G 51 12.31 -13.67 -26.16
C ALA G 51 13.57 -14.14 -26.91
N GLN G 52 14.74 -13.58 -26.61
CA GLN G 52 15.99 -13.77 -27.40
C GLN G 52 16.82 -14.96 -26.90
N ARG G 53 16.30 -15.77 -26.01
CA ARG G 53 16.94 -17.04 -25.59
C ARG G 53 16.66 -18.18 -26.58
N GLU G 54 15.40 -18.31 -27.03
CA GLU G 54 14.83 -19.57 -27.59
C GLU G 54 14.17 -19.31 -28.95
N MET H 1 25.99 8.69 -30.25
CA MET H 1 26.18 8.52 -31.70
C MET H 1 24.81 8.45 -32.40
N LYS H 2 24.81 8.72 -33.70
CA LYS H 2 23.59 8.67 -34.55
C LYS H 2 23.29 7.22 -34.97
N VAL H 3 22.11 6.76 -34.66
CA VAL H 3 21.57 5.44 -35.04
C VAL H 3 20.13 5.59 -35.54
N ASN H 4 19.66 4.55 -36.25
CA ASN H 4 18.25 4.43 -36.70
C ASN H 4 17.46 3.71 -35.60
N LYS H 5 16.14 3.64 -35.74
CA LYS H 5 15.20 2.98 -34.79
C LYS H 5 15.58 1.54 -34.49
N LYS H 6 15.89 0.76 -35.51
CA LYS H 6 16.31 -0.63 -35.34
C LYS H 6 17.51 -0.71 -34.39
N ARG H 7 18.57 0.04 -34.68
CA ARG H 7 19.78 -0.03 -33.85
C ARG H 7 19.44 0.46 -32.46
N LEU H 8 18.68 1.54 -32.38
CA LEU H 8 18.28 2.15 -31.09
C LEU H 8 17.53 1.15 -30.24
N ALA H 9 16.54 0.47 -30.82
CA ALA H 9 15.81 -0.62 -30.15
C ALA H 9 16.77 -1.73 -29.73
N GLU H 10 17.75 -2.05 -30.57
CA GLU H 10 18.73 -3.13 -30.29
C GLU H 10 19.63 -2.69 -29.12
N ILE H 11 19.92 -1.40 -29.00
CA ILE H 11 20.76 -0.84 -27.92
C ILE H 11 19.98 -0.92 -26.60
N PHE H 12 18.70 -0.53 -26.57
CA PHE H 12 17.92 -0.49 -25.32
C PHE H 12 17.35 -1.87 -24.94
N ASN H 13 17.52 -2.88 -25.80
CA ASN H 13 16.97 -4.25 -25.71
C ASN H 13 15.45 -4.18 -25.55
N VAL H 14 14.80 -3.41 -26.41
CA VAL H 14 13.30 -3.31 -26.47
C VAL H 14 12.82 -3.44 -27.90
N ASP H 15 11.52 -3.76 -28.06
CA ASP H 15 10.83 -3.79 -29.37
C ASP H 15 10.68 -2.36 -29.88
N PRO H 16 10.80 -2.17 -31.22
CA PRO H 16 10.55 -0.91 -31.87
C PRO H 16 9.30 -0.16 -31.33
N ARG H 17 8.22 -0.88 -31.13
CA ARG H 17 6.91 -0.33 -30.73
C ARG H 17 7.06 0.31 -29.35
N THR H 18 8.03 -0.12 -28.61
CA THR H 18 8.27 0.44 -27.26
C THR H 18 9.04 1.76 -27.48
N ILE H 19 9.97 1.69 -28.39
CA ILE H 19 10.75 2.88 -28.78
C ILE H 19 9.81 3.98 -29.31
N GLU H 20 8.88 3.60 -30.14
CA GLU H 20 7.82 4.52 -30.58
C GLU H 20 6.94 4.98 -29.41
N ARG H 21 6.59 4.14 -28.44
CA ARG H 21 5.88 4.62 -27.23
C ARG H 21 6.65 5.82 -26.66
N TRP H 22 7.94 5.64 -26.42
CA TRP H 22 8.84 6.68 -25.84
C TRP H 22 8.78 7.97 -26.66
N GLN H 23 8.61 7.87 -27.99
CA GLN H 23 8.61 9.00 -28.98
C GLN H 23 7.40 9.88 -28.75
N SER H 24 6.27 9.25 -28.46
CA SER H 24 5.02 9.88 -27.97
C SER H 24 5.23 10.57 -26.62
N GLN H 25 6.25 10.17 -25.85
CA GLN H 25 6.51 10.71 -24.47
C GLN H 25 7.59 11.81 -24.50
N GLY H 26 8.14 12.09 -25.67
CA GLY H 26 9.05 13.22 -25.86
C GLY H 26 10.50 12.79 -26.07
N LEU H 27 10.77 11.48 -26.14
CA LEU H 27 12.15 11.05 -26.46
C LEU H 27 12.44 11.71 -27.80
N PRO H 28 13.48 12.55 -27.90
CA PRO H 28 13.75 13.30 -29.13
C PRO H 28 14.42 12.38 -30.15
N CYS H 29 14.14 12.58 -31.43
CA CYS H 29 14.73 11.74 -32.50
C CYS H 29 15.56 12.58 -33.47
N ALA H 30 16.19 13.65 -32.99
CA ALA H 30 17.20 14.45 -33.70
C ALA H 30 16.76 14.83 -35.13
N SER H 31 16.22 13.90 -35.93
CA SER H 31 15.73 14.16 -37.31
C SER H 31 14.60 13.17 -37.68
N LYS H 32 13.35 13.64 -37.65
CA LYS H 32 12.16 12.83 -38.03
C LYS H 32 12.36 12.28 -39.45
N GLY H 33 12.06 11.00 -39.61
CA GLY H 33 12.18 10.24 -40.87
C GLY H 33 11.09 10.64 -41.83
N SER H 34 11.49 11.28 -42.92
CA SER H 34 10.55 11.77 -43.96
C SER H 34 10.83 11.02 -45.26
N LYS H 35 9.80 10.36 -45.79
CA LYS H 35 9.66 9.97 -47.21
C LYS H 35 10.93 9.25 -47.68
N GLY H 36 11.02 7.97 -47.32
CA GLY H 36 12.10 7.08 -47.77
C GLY H 36 13.38 7.34 -47.02
N ILE H 37 13.33 8.20 -46.02
CA ILE H 37 14.49 8.41 -45.10
C ILE H 37 14.03 8.07 -43.69
N GLU H 38 14.87 7.32 -42.98
CA GLU H 38 14.55 6.88 -41.61
C GLU H 38 14.87 8.01 -40.63
N SER H 39 14.08 8.04 -39.56
CA SER H 39 14.32 8.84 -38.35
C SER H 39 15.69 8.43 -37.77
N VAL H 40 16.52 9.42 -37.40
CA VAL H 40 17.86 9.14 -36.80
C VAL H 40 17.86 9.70 -35.39
N PHE H 41 18.29 8.88 -34.43
CA PHE H 41 18.30 9.26 -32.99
C PHE H 41 19.75 9.50 -32.55
N ASP H 42 19.92 10.35 -31.55
CA ASP H 42 21.22 10.45 -30.82
C ASP H 42 21.15 9.59 -29.56
N THR H 43 22.06 8.60 -29.48
CA THR H 43 22.08 7.54 -28.43
C THR H 43 22.29 8.12 -27.03
N ALA H 44 23.19 9.07 -26.87
CA ALA H 44 23.42 9.70 -25.56
C ALA H 44 22.16 10.48 -25.20
N MET H 45 21.59 11.15 -26.17
CA MET H 45 20.33 11.93 -26.00
C MET H 45 19.20 11.00 -25.54
N ALA H 46 19.06 9.84 -26.16
CA ALA H 46 18.02 8.88 -25.80
C ALA H 46 18.24 8.38 -24.38
N ILE H 47 19.48 8.08 -24.08
CA ILE H 47 19.89 7.60 -22.74
C ILE H 47 19.59 8.66 -21.69
N GLN H 48 19.82 9.94 -21.98
CA GLN H 48 19.54 11.02 -21.02
C GLN H 48 18.03 11.00 -20.78
N TRP H 49 17.27 10.83 -21.85
CA TRP H 49 15.79 10.84 -21.78
C TRP H 49 15.32 9.70 -20.87
N TYR H 50 15.67 8.47 -21.21
CA TYR H 50 15.38 7.26 -20.38
C TYR H 50 15.75 7.54 -18.91
N ALA H 51 16.89 8.18 -18.63
CA ALA H 51 17.42 8.38 -17.27
C ALA H 51 16.61 9.40 -16.45
N GLN H 52 16.01 10.42 -17.10
CA GLN H 52 15.19 11.48 -16.47
C GLN H 52 13.88 10.89 -15.93
N ARG H 53 13.24 9.95 -16.64
CA ARG H 53 11.91 9.39 -16.24
C ARG H 53 12.00 8.72 -14.87
N GLU H 54 13.21 8.44 -14.39
CA GLU H 54 13.49 8.03 -12.98
C GLU H 54 14.58 8.92 -12.41
#